data_2IO6
#
_entry.id   2IO6
#
_cell.length_a   69.925
_cell.length_b   69.925
_cell.length_c   157.920
_cell.angle_alpha   90.00
_cell.angle_beta   90.00
_cell.angle_gamma   90.00
#
_symmetry.space_group_name_H-M   'P 41 21 2'
#
loop_
_entity.id
_entity.type
_entity.pdbx_description
1 polymer 'Wee1-like protein kinase'
2 non-polymer 9-HYDROXY-6-(3-HYDROXYPROPYL)-4-(2-METHOXYPHENYL)PYRROLO[3,4-C]CARBAZOLE-1,3(2H,6H)-DIONE
3 water water
#
_entity_poly.entity_id   1
_entity_poly.type   'polypeptide(L)'
_entity_poly.pdbx_seq_one_letter_code
;AEMKSRYTTEFHELEKIGSGEFGSVFKCVKRLDGCIYAIKRSKKPLAGSVDEQNALREVYAHAVLGQHSHVVRYFSAWAE
DDHMLIQNEYCNGGSLADAISENYRIMSYFKEAELKDLLLQVGRGLRYIHSMSLVHMDIKPSNIFISRTSIPNAASEEGD
EDDWASNKVMFKIGDLGHVTRISSPQVEEGDSRFLANEVLQENYTHLPKADIFALALTVVCAAGAEPLPRNGDQWHEIRQ
GRLPRIPQVLSQEFTELLKVMIHPDPERRPSAMALVKHSVLLSASRK
;
_entity_poly.pdbx_strand_id   A
#
# COMPACT_ATOMS: atom_id res chain seq x y z
N MET A 3 22.81 -27.44 -5.58
CA MET A 3 21.76 -26.42 -5.92
C MET A 3 21.09 -26.70 -7.27
N LYS A 4 21.06 -25.68 -8.13
CA LYS A 4 20.02 -25.51 -9.12
C LYS A 4 18.63 -25.36 -8.45
N SER A 5 18.49 -24.26 -7.71
CA SER A 5 17.21 -23.58 -7.46
C SER A 5 16.29 -23.73 -8.66
N ARG A 6 14.98 -23.85 -8.41
CA ARG A 6 13.97 -23.37 -9.37
C ARG A 6 14.31 -21.90 -9.76
N TYR A 7 14.66 -21.10 -8.76
CA TYR A 7 14.97 -19.70 -8.93
C TYR A 7 16.10 -19.44 -9.93
N THR A 8 17.25 -20.08 -9.70
CA THR A 8 18.41 -20.03 -10.63
C THR A 8 18.06 -20.54 -12.00
N THR A 9 17.39 -21.67 -12.07
CA THR A 9 17.18 -22.34 -13.35
C THR A 9 16.05 -21.73 -14.20
N GLU A 10 15.07 -21.09 -13.57
CA GLU A 10 13.94 -20.60 -14.37
C GLU A 10 14.05 -19.10 -14.68
N PHE A 11 14.85 -18.40 -13.89
CA PHE A 11 15.00 -16.95 -13.97
C PHE A 11 16.48 -16.52 -14.13
N HIS A 12 16.69 -15.42 -14.87
CA HIS A 12 17.94 -14.68 -14.85
C HIS A 12 17.71 -13.39 -14.04
N GLU A 13 18.51 -13.22 -13.00
CA GLU A 13 18.43 -12.08 -12.12
C GLU A 13 19.09 -10.85 -12.75
N LEU A 14 18.41 -9.71 -12.77
CA LEU A 14 18.96 -8.48 -13.39
C LEU A 14 19.56 -7.50 -12.36
N GLU A 15 18.82 -7.13 -11.32
CA GLU A 15 19.31 -6.24 -10.26
C GLU A 15 18.50 -6.41 -8.99
N LYS A 16 19.09 -6.13 -7.84
CA LYS A 16 18.33 -6.03 -6.60
C LYS A 16 17.61 -4.67 -6.61
N ILE A 17 16.34 -4.66 -6.22
CA ILE A 17 15.53 -3.43 -6.28
C ILE A 17 14.99 -3.08 -4.91
N GLY A 18 15.14 -3.98 -3.94
CA GLY A 18 14.64 -3.74 -2.59
C GLY A 18 15.35 -4.71 -1.65
N SER A 19 15.46 -4.36 -0.36
CA SER A 19 16.39 -5.06 0.56
C SER A 19 15.81 -5.33 1.93
N SER A 24 15.02 -9.62 0.46
CA SER A 24 15.43 -8.93 -0.78
C SER A 24 14.46 -9.13 -1.93
N VAL A 25 14.38 -8.15 -2.81
CA VAL A 25 13.54 -8.24 -3.99
C VAL A 25 14.45 -8.01 -5.19
N PHE A 26 14.30 -8.77 -6.27
CA PHE A 26 15.13 -8.66 -7.46
C PHE A 26 14.23 -8.50 -8.66
N LYS A 27 14.72 -7.80 -9.66
CA LYS A 27 14.12 -7.72 -10.98
C LYS A 27 14.72 -8.93 -11.72
N CYS A 28 13.86 -9.75 -12.35
CA CYS A 28 14.25 -11.03 -12.97
C CYS A 28 13.51 -11.24 -14.28
N VAL A 29 14.21 -11.74 -15.29
CA VAL A 29 13.60 -12.18 -16.53
C VAL A 29 13.40 -13.67 -16.41
N LYS A 30 12.21 -14.13 -16.77
CA LYS A 30 11.89 -15.57 -16.74
C LYS A 30 12.34 -16.14 -18.08
N ARG A 31 13.19 -17.17 -18.05
CA ARG A 31 13.91 -17.60 -19.27
C ARG A 31 12.95 -18.08 -20.34
N LEU A 32 11.91 -18.78 -19.93
CA LEU A 32 10.99 -19.39 -20.86
C LEU A 32 10.05 -18.37 -21.49
N ASP A 33 9.45 -17.49 -20.70
CA ASP A 33 8.39 -16.67 -21.27
C ASP A 33 8.88 -15.28 -21.72
N GLY A 34 10.11 -14.93 -21.33
CA GLY A 34 10.77 -13.69 -21.75
C GLY A 34 10.38 -12.45 -20.95
N CYS A 35 9.54 -12.60 -19.92
CA CYS A 35 9.01 -11.43 -19.23
C CYS A 35 9.79 -11.16 -18.00
N ILE A 36 9.63 -9.93 -17.53
CA ILE A 36 10.27 -9.42 -16.31
C ILE A 36 9.29 -9.50 -15.16
N TYR A 37 9.81 -9.91 -14.00
CA TYR A 37 8.99 -10.13 -12.79
C TYR A 37 9.71 -9.54 -11.63
N ALA A 38 9.03 -9.22 -10.54
CA ALA A 38 9.74 -8.92 -9.31
C ALA A 38 9.63 -10.15 -8.42
N ILE A 39 10.74 -10.60 -7.87
CA ILE A 39 10.76 -11.81 -7.04
C ILE A 39 11.31 -11.48 -5.69
N LYS A 40 10.56 -11.70 -4.62
CA LYS A 40 11.05 -11.50 -3.30
C LYS A 40 11.53 -12.83 -2.73
N ARG A 41 12.72 -12.83 -2.15
CA ARG A 41 13.31 -14.02 -1.58
C ARG A 41 13.49 -13.71 -0.08
N SER A 42 12.75 -14.39 0.78
CA SER A 42 12.85 -14.12 2.20
C SER A 42 13.23 -15.38 2.99
N LYS A 43 13.80 -15.24 4.18
CA LYS A 43 14.22 -16.42 4.94
C LYS A 43 12.96 -17.14 5.42
N LYS A 44 12.86 -18.43 5.17
CA LYS A 44 11.68 -19.24 5.54
C LYS A 44 11.52 -19.47 7.07
N PRO A 45 10.36 -19.12 7.65
CA PRO A 45 10.17 -19.21 9.12
C PRO A 45 10.09 -20.65 9.62
N SER A 49 4.86 -22.30 12.98
CA SER A 49 5.16 -21.06 13.73
C SER A 49 4.27 -19.86 13.36
N VAL A 50 4.01 -18.99 14.33
CA VAL A 50 3.26 -17.75 14.12
C VAL A 50 3.85 -16.85 13.03
N ASP A 51 5.17 -16.91 12.87
CA ASP A 51 5.86 -16.14 11.84
C ASP A 51 5.62 -16.77 10.44
N GLU A 52 5.35 -18.08 10.40
CA GLU A 52 5.04 -18.76 9.17
C GLU A 52 3.58 -18.53 8.74
N GLN A 53 2.69 -18.49 9.73
CA GLN A 53 1.29 -18.20 9.47
C GLN A 53 1.21 -16.84 8.79
N ASN A 54 2.00 -15.92 9.29
CA ASN A 54 1.99 -14.58 8.78
C ASN A 54 2.51 -14.57 7.36
N ALA A 55 3.55 -15.35 7.07
CA ALA A 55 4.14 -15.32 5.75
C ALA A 55 3.19 -15.92 4.72
N LEU A 56 2.43 -16.93 5.14
CA LEU A 56 1.51 -17.63 4.25
C LEU A 56 0.25 -16.83 3.96
N ARG A 57 -0.23 -16.02 4.92
CA ARG A 57 -1.33 -15.06 4.63
C ARG A 57 -0.97 -14.15 3.42
N GLU A 58 0.29 -13.74 3.31
CA GLU A 58 0.73 -12.93 2.14
C GLU A 58 0.41 -13.73 0.86
N VAL A 59 0.76 -15.03 0.85
CA VAL A 59 0.55 -15.89 -0.30
C VAL A 59 -0.94 -16.13 -0.57
N TYR A 60 -1.70 -16.48 0.48
CA TYR A 60 -3.13 -16.68 0.35
C TYR A 60 -3.81 -15.36 -0.09
N ALA A 61 -3.48 -14.22 0.52
CA ALA A 61 -3.96 -12.90 -0.01
C ALA A 61 -3.70 -12.65 -1.53
N HIS A 62 -2.49 -12.87 -1.98
CA HIS A 62 -2.20 -12.65 -3.40
C HIS A 62 -2.95 -13.59 -4.28
N ALA A 63 -3.10 -14.81 -3.85
CA ALA A 63 -3.77 -15.80 -4.65
C ALA A 63 -5.29 -15.57 -4.83
N VAL A 64 -5.90 -14.73 -3.98
CA VAL A 64 -7.28 -14.28 -4.17
C VAL A 64 -7.39 -12.83 -4.73
N LEU A 65 -6.31 -12.05 -4.66
CA LEU A 65 -6.28 -10.68 -5.13
C LEU A 65 -5.54 -10.54 -6.51
N GLY A 66 -5.82 -11.45 -7.42
CA GLY A 66 -5.08 -11.44 -8.69
C GLY A 66 -5.81 -10.92 -9.92
N GLN A 67 -7.03 -10.46 -9.75
CA GLN A 67 -7.82 -10.17 -10.92
C GLN A 67 -8.02 -8.65 -11.09
N HIS A 68 -7.29 -7.85 -10.30
CA HIS A 68 -7.55 -6.40 -10.31
C HIS A 68 -6.45 -5.53 -10.85
N SER A 69 -6.83 -4.59 -11.73
CA SER A 69 -5.91 -3.54 -12.24
C SER A 69 -5.12 -2.73 -11.20
N HIS A 70 -5.66 -2.51 -10.01
CA HIS A 70 -5.00 -1.67 -9.00
C HIS A 70 -4.39 -2.44 -7.84
N VAL A 71 -4.20 -3.74 -8.07
CA VAL A 71 -3.43 -4.55 -7.12
C VAL A 71 -2.40 -5.27 -7.91
N VAL A 72 -1.19 -5.28 -7.38
CA VAL A 72 -0.07 -5.89 -8.09
C VAL A 72 -0.36 -7.41 -8.30
N ARG A 73 -0.20 -7.93 -9.52
CA ARG A 73 -0.56 -9.33 -9.84
C ARG A 73 0.44 -10.32 -9.31
N TYR A 74 -0.03 -11.47 -8.91
CA TYR A 74 0.80 -12.53 -8.41
C TYR A 74 0.87 -13.64 -9.45
N PHE A 75 2.05 -14.25 -9.62
CA PHE A 75 2.28 -15.32 -10.57
C PHE A 75 2.56 -16.65 -9.87
N SER A 76 3.51 -16.68 -8.95
CA SER A 76 3.77 -17.93 -8.25
C SER A 76 4.48 -17.65 -6.97
N ALA A 77 4.65 -18.71 -6.20
CA ALA A 77 5.27 -18.67 -4.87
C ALA A 77 5.72 -20.12 -4.66
N TRP A 78 6.85 -20.31 -4.00
CA TRP A 78 7.39 -21.64 -3.75
C TRP A 78 8.42 -21.49 -2.64
N ALA A 79 8.93 -22.62 -2.17
CA ALA A 79 9.90 -22.64 -1.08
C ALA A 79 10.99 -23.57 -1.52
N GLU A 80 12.21 -23.20 -1.22
CA GLU A 80 13.38 -24.03 -1.46
C GLU A 80 14.51 -23.49 -0.62
N ASP A 81 15.28 -24.42 -0.05
CA ASP A 81 16.35 -24.09 0.91
C ASP A 81 15.83 -23.72 2.30
N ASP A 82 16.37 -22.62 2.81
CA ASP A 82 15.81 -21.94 3.94
C ASP A 82 15.15 -20.70 3.37
N HIS A 83 14.58 -20.81 2.17
CA HIS A 83 13.95 -19.63 1.56
C HIS A 83 12.53 -19.80 1.04
N MET A 84 11.74 -18.74 1.18
CA MET A 84 10.44 -18.56 0.54
C MET A 84 10.54 -17.48 -0.59
N LEU A 85 9.90 -17.75 -1.71
CA LEU A 85 9.94 -16.88 -2.89
C LEU A 85 8.54 -16.56 -3.36
N ILE A 86 8.30 -15.30 -3.71
CA ILE A 86 7.07 -14.92 -4.44
C ILE A 86 7.37 -14.10 -5.72
N GLN A 87 6.80 -14.50 -6.86
CA GLN A 87 7.02 -13.88 -8.17
C GLN A 87 5.76 -13.08 -8.49
N ASN A 88 5.89 -11.73 -8.53
CA ASN A 88 4.84 -10.77 -8.85
C ASN A 88 5.12 -10.03 -10.16
N GLU A 89 4.07 -9.49 -10.73
CA GLU A 89 4.16 -8.36 -11.71
C GLU A 89 5.28 -7.43 -11.32
N TYR A 90 6.17 -7.11 -12.28
CA TYR A 90 7.14 -5.98 -12.19
C TYR A 90 6.55 -4.63 -12.63
N CYS A 91 6.73 -3.62 -11.78
CA CYS A 91 6.15 -2.31 -12.01
C CYS A 91 7.31 -1.38 -12.29
N ASN A 92 7.44 -1.03 -13.55
CA ASN A 92 8.67 -0.33 -13.96
C ASN A 92 8.80 1.15 -13.54
N GLY A 93 7.78 1.71 -12.89
CA GLY A 93 7.83 3.09 -12.48
C GLY A 93 8.29 3.22 -11.05
N GLY A 94 8.65 2.12 -10.43
CA GLY A 94 9.17 2.19 -9.03
C GLY A 94 8.02 2.43 -8.05
N SER A 95 8.33 2.71 -6.80
CA SER A 95 7.26 3.00 -5.84
C SER A 95 6.89 4.51 -5.80
N LEU A 96 5.72 4.80 -5.26
CA LEU A 96 5.30 6.16 -5.04
C LEU A 96 6.20 6.85 -4.02
N ALA A 97 6.77 6.12 -3.06
CA ALA A 97 7.72 6.75 -2.13
C ALA A 97 8.94 7.33 -2.90
N ASP A 98 9.48 6.62 -3.89
CA ASP A 98 10.58 7.18 -4.70
C ASP A 98 10.13 8.41 -5.51
N ALA A 99 8.96 8.37 -6.19
CA ALA A 99 8.43 9.54 -6.87
C ALA A 99 8.30 10.77 -5.96
N ILE A 100 7.83 10.55 -4.75
CA ILE A 100 7.56 11.62 -3.81
C ILE A 100 8.85 12.23 -3.29
N SER A 101 9.84 11.39 -3.04
CA SER A 101 11.14 11.86 -2.60
C SER A 101 11.86 12.68 -3.68
N GLU A 102 11.78 12.27 -4.94
CA GLU A 102 12.27 13.06 -6.07
C GLU A 102 11.55 14.42 -6.18
N ASN A 103 10.21 14.42 -6.15
CA ASN A 103 9.43 15.65 -6.15
C ASN A 103 9.81 16.63 -5.00
N TYR A 104 10.15 16.08 -3.83
CA TYR A 104 10.52 16.87 -2.66
C TYR A 104 11.75 17.67 -2.99
N ARG A 105 12.72 16.98 -3.60
CA ARG A 105 13.99 17.53 -3.97
C ARG A 105 13.85 18.67 -4.95
N ILE A 106 12.99 18.55 -5.97
CA ILE A 106 12.89 19.56 -7.04
C ILE A 106 11.79 20.61 -6.78
N MET A 107 11.09 20.43 -5.66
CA MET A 107 10.01 21.30 -5.27
C MET A 107 8.91 21.38 -6.26
N SER A 108 8.63 20.27 -6.97
CA SER A 108 7.44 20.18 -7.84
C SER A 108 6.61 18.93 -7.43
N TYR A 109 5.36 19.11 -7.00
CA TYR A 109 4.61 18.03 -6.34
C TYR A 109 3.57 17.41 -7.29
N PHE A 110 2.77 16.46 -6.82
CA PHE A 110 1.59 16.05 -7.58
C PHE A 110 0.54 17.19 -7.49
N LYS A 111 0.06 17.61 -8.66
CA LYS A 111 -0.97 18.66 -8.76
C LYS A 111 -2.33 18.06 -8.39
N GLU A 112 -3.31 18.91 -8.07
CA GLU A 112 -4.61 18.44 -7.65
C GLU A 112 -5.24 17.34 -8.54
N ALA A 113 -5.19 17.47 -9.86
CA ALA A 113 -5.75 16.42 -10.75
C ALA A 113 -5.03 15.05 -10.60
N GLU A 114 -3.70 15.08 -10.43
CA GLU A 114 -2.87 13.92 -10.21
C GLU A 114 -3.16 13.31 -8.83
N LEU A 115 -3.36 14.14 -7.80
CA LEU A 115 -3.74 13.59 -6.48
C LEU A 115 -5.11 12.90 -6.47
N LYS A 116 -6.09 13.49 -7.17
CA LYS A 116 -7.38 12.85 -7.40
C LYS A 116 -7.31 11.51 -8.16
N ASP A 117 -6.51 11.40 -9.22
CA ASP A 117 -6.23 10.16 -9.91
C ASP A 117 -5.64 9.11 -8.98
N LEU A 118 -4.64 9.49 -8.17
CA LEU A 118 -4.01 8.59 -7.19
C LEU A 118 -5.03 8.08 -6.20
N LEU A 119 -5.81 9.02 -5.66
CA LEU A 119 -6.77 8.70 -4.63
C LEU A 119 -7.84 7.78 -5.17
N LEU A 120 -8.32 8.07 -6.38
CA LEU A 120 -9.33 7.21 -7.05
C LEU A 120 -8.80 5.80 -7.46
N GLN A 121 -7.61 5.71 -8.08
CA GLN A 121 -7.02 4.41 -8.41
C GLN A 121 -6.75 3.55 -7.17
N VAL A 122 -6.08 4.10 -6.16
CA VAL A 122 -5.84 3.33 -4.95
C VAL A 122 -7.17 3.04 -4.30
N GLY A 123 -8.06 4.01 -4.29
CA GLY A 123 -9.46 3.77 -3.82
C GLY A 123 -10.10 2.52 -4.46
N ARG A 124 -9.93 2.33 -5.74
CA ARG A 124 -10.56 1.18 -6.40
C ARG A 124 -9.86 -0.15 -6.02
N GLY A 125 -8.52 -0.19 -5.91
CA GLY A 125 -7.83 -1.37 -5.38
C GLY A 125 -8.34 -1.73 -4.02
N LEU A 126 -8.55 -0.71 -3.21
CA LEU A 126 -9.00 -0.90 -1.84
C LEU A 126 -10.44 -1.39 -1.79
N ARG A 127 -11.32 -0.82 -2.61
CA ARG A 127 -12.72 -1.33 -2.75
C ARG A 127 -12.75 -2.84 -3.06
N TYR A 128 -12.02 -3.29 -4.07
CA TYR A 128 -11.83 -4.70 -4.36
C TYR A 128 -11.28 -5.47 -3.15
N ILE A 129 -10.15 -5.05 -2.57
CA ILE A 129 -9.63 -5.74 -1.40
C ILE A 129 -10.72 -5.93 -0.36
N HIS A 130 -11.42 -4.86 -0.06
CA HIS A 130 -12.44 -4.88 0.95
C HIS A 130 -13.70 -5.70 0.61
N SER A 131 -14.01 -5.82 -0.69
CA SER A 131 -15.18 -6.61 -1.05
C SER A 131 -14.83 -8.10 -0.99
N MET A 132 -13.54 -8.44 -0.83
CA MET A 132 -13.11 -9.81 -0.53
C MET A 132 -13.01 -10.06 0.98
N SER A 133 -13.59 -9.18 1.78
CA SER A 133 -13.55 -9.31 3.22
C SER A 133 -12.11 -9.42 3.77
N LEU A 134 -11.19 -8.71 3.12
CA LEU A 134 -9.80 -8.49 3.58
C LEU A 134 -9.54 -7.01 3.82
N VAL A 135 -8.52 -6.71 4.62
CA VAL A 135 -8.04 -5.36 4.82
C VAL A 135 -6.53 -5.40 4.56
N HIS A 136 -5.98 -4.31 4.04
CA HIS A 136 -4.55 -4.29 3.66
C HIS A 136 -3.65 -4.09 4.90
N MET A 137 -4.01 -3.12 5.73
CA MET A 137 -3.31 -2.84 6.99
C MET A 137 -1.94 -2.18 6.92
N ASP A 138 -1.42 -1.90 5.72
CA ASP A 138 -0.15 -1.17 5.62
C ASP A 138 -0.09 -0.33 4.35
N ILE A 139 -1.15 0.42 4.12
CA ILE A 139 -1.16 1.40 3.04
C ILE A 139 -0.15 2.53 3.32
N LYS A 140 0.73 2.76 2.36
CA LYS A 140 1.68 3.85 2.44
C LYS A 140 2.40 3.96 1.08
N PRO A 141 3.06 5.10 0.82
CA PRO A 141 3.71 5.30 -0.49
C PRO A 141 4.73 4.21 -0.89
N SER A 142 5.49 3.64 0.07
CA SER A 142 6.43 2.63 -0.33
C SER A 142 5.77 1.29 -0.72
N ASN A 143 4.46 1.17 -0.48
CA ASN A 143 3.64 -0.03 -0.86
C ASN A 143 2.67 0.27 -2.02
N ILE A 144 2.87 1.37 -2.74
CA ILE A 144 2.12 1.65 -3.94
C ILE A 144 3.13 1.76 -5.04
N PHE A 145 2.88 1.10 -6.17
CA PHE A 145 3.82 0.89 -7.23
C PHE A 145 3.27 1.54 -8.46
N ILE A 146 4.17 1.98 -9.31
CA ILE A 146 3.73 2.77 -10.43
C ILE A 146 4.08 2.03 -11.68
N SER A 147 3.17 2.06 -12.66
CA SER A 147 3.33 1.32 -13.89
C SER A 147 2.96 2.22 -15.10
N LYS A 168 -1.10 6.80 -19.51
CA LYS A 168 -1.69 6.80 -18.17
C LYS A 168 -0.71 6.22 -17.15
N VAL A 169 -0.50 6.94 -16.04
CA VAL A 169 0.15 6.36 -14.87
C VAL A 169 -0.85 5.40 -14.30
N MET A 170 -0.37 4.28 -13.78
CA MET A 170 -1.28 3.33 -13.11
C MET A 170 -0.67 3.08 -11.77
N PHE A 171 -1.48 3.19 -10.72
CA PHE A 171 -1.03 2.96 -9.37
C PHE A 171 -1.60 1.60 -8.87
N LYS A 172 -0.73 0.78 -8.33
CA LYS A 172 -1.05 -0.56 -7.90
C LYS A 172 -0.60 -0.78 -6.46
N ILE A 173 -1.53 -1.17 -5.60
CA ILE A 173 -1.23 -1.60 -4.24
C ILE A 173 -0.47 -2.92 -4.25
N GLY A 174 0.64 -2.96 -3.52
CA GLY A 174 1.41 -4.18 -3.38
C GLY A 174 1.76 -4.36 -1.90
N ASP A 175 2.68 -5.29 -1.66
CA ASP A 175 3.07 -5.65 -0.31
C ASP A 175 1.89 -6.06 0.58
N LEU A 176 1.47 -7.31 0.41
CA LEU A 176 0.30 -7.82 1.12
C LEU A 176 0.67 -8.48 2.44
N GLY A 177 1.83 -8.16 3.01
CA GLY A 177 2.31 -8.88 4.20
C GLY A 177 1.54 -8.64 5.49
N HIS A 178 0.67 -7.62 5.54
CA HIS A 178 -0.16 -7.36 6.73
C HIS A 178 -1.64 -7.64 6.48
N VAL A 179 -1.96 -8.19 5.32
CA VAL A 179 -3.35 -8.42 5.01
C VAL A 179 -3.94 -9.39 6.02
N THR A 180 -5.18 -9.12 6.42
CA THR A 180 -5.93 -10.03 7.26
C THR A 180 -7.42 -9.90 6.91
N ARG A 181 -8.22 -10.86 7.34
CA ARG A 181 -9.69 -10.78 7.15
C ARG A 181 -10.31 -9.66 7.96
N ILE A 182 -11.34 -9.05 7.42
CA ILE A 182 -11.96 -7.89 8.04
C ILE A 182 -12.39 -8.02 9.52
N SER A 183 -12.83 -9.19 9.93
CA SER A 183 -13.32 -9.34 11.31
C SER A 183 -12.26 -9.99 12.20
N SER A 184 -10.98 -9.91 11.81
CA SER A 184 -9.90 -10.56 12.58
C SER A 184 -9.83 -9.96 13.97
N PRO A 185 -9.81 -10.80 15.03
CA PRO A 185 -9.60 -10.35 16.41
C PRO A 185 -8.15 -10.00 16.73
N GLN A 186 -7.21 -10.51 15.93
CA GLN A 186 -5.78 -10.21 16.08
C GLN A 186 -5.27 -9.55 14.80
N VAL A 187 -4.47 -8.51 14.96
CA VAL A 187 -3.95 -7.70 13.86
C VAL A 187 -2.47 -7.39 14.10
N GLU A 188 -1.68 -7.48 13.03
CA GLU A 188 -0.34 -6.91 13.07
C GLU A 188 -0.45 -5.48 12.52
N GLU A 189 -0.10 -4.49 13.34
CA GLU A 189 -0.26 -3.10 12.91
C GLU A 189 0.81 -2.67 11.88
N GLY A 190 0.42 -1.79 10.96
CA GLY A 190 1.29 -1.27 9.90
C GLY A 190 2.15 -0.12 10.40
N ASP A 191 2.87 0.52 9.49
CA ASP A 191 3.73 1.67 9.77
C ASP A 191 3.07 2.70 10.67
N SER A 192 3.77 3.11 11.72
CA SER A 192 3.14 4.02 12.70
C SER A 192 2.80 5.43 12.17
N ARG A 193 3.46 5.86 11.09
CA ARG A 193 3.25 7.19 10.48
C ARG A 193 1.89 7.25 9.83
N PHE A 194 1.39 6.07 9.46
CA PHE A 194 0.18 5.94 8.70
C PHE A 194 -0.94 5.27 9.51
N LEU A 195 -0.64 4.99 10.77
CA LEU A 195 -1.49 4.12 11.60
C LEU A 195 -2.53 4.95 12.34
N ALA A 196 -3.79 4.57 12.15
CA ALA A 196 -4.94 5.21 12.75
C ALA A 196 -4.98 4.90 14.26
N ASN A 197 -5.48 5.82 15.07
CA ASN A 197 -5.42 5.65 16.53
C ASN A 197 -6.23 4.45 17.07
N GLU A 198 -7.43 4.24 16.55
CA GLU A 198 -8.24 3.13 17.03
C GLU A 198 -7.52 1.76 16.89
N VAL A 199 -6.76 1.57 15.80
CA VAL A 199 -5.98 0.32 15.62
C VAL A 199 -4.90 0.24 16.69
N LEU A 200 -4.27 1.37 16.99
CA LEU A 200 -3.31 1.42 18.10
C LEU A 200 -3.98 1.11 19.46
N GLN A 201 -5.23 1.50 19.65
CA GLN A 201 -5.95 1.19 20.90
C GLN A 201 -6.60 -0.21 20.85
N GLU A 202 -6.26 -0.99 19.83
CA GLU A 202 -6.79 -2.32 19.57
C GLU A 202 -8.31 -2.42 19.50
N ASN A 203 -8.95 -1.40 18.94
CA ASN A 203 -10.36 -1.46 18.61
C ASN A 203 -10.48 -1.80 17.12
N TYR A 204 -10.70 -3.07 16.81
CA TYR A 204 -10.70 -3.55 15.44
C TYR A 204 -12.11 -3.67 14.90
N THR A 205 -13.00 -2.84 15.39
CA THR A 205 -14.39 -2.96 14.94
C THR A 205 -14.61 -2.39 13.52
N HIS A 206 -13.79 -1.42 13.09
CA HIS A 206 -13.94 -0.88 11.75
C HIS A 206 -12.62 -0.87 10.97
N LEU A 207 -11.93 -2.01 10.96
CA LEU A 207 -10.66 -2.17 10.27
C LEU A 207 -10.61 -1.54 8.87
N PRO A 208 -11.68 -1.68 8.04
CA PRO A 208 -11.53 -1.10 6.70
C PRO A 208 -11.22 0.40 6.73
N LYS A 209 -11.64 1.09 7.77
CA LYS A 209 -11.50 2.55 7.87
C LYS A 209 -10.04 2.92 8.29
N ALA A 210 -9.31 1.94 8.79
CA ALA A 210 -7.88 2.09 8.99
C ALA A 210 -7.16 2.25 7.62
N ASP A 211 -7.62 1.55 6.58
CA ASP A 211 -7.02 1.66 5.26
C ASP A 211 -7.40 3.04 4.68
N ILE A 212 -8.64 3.48 4.91
CA ILE A 212 -9.07 4.79 4.44
C ILE A 212 -8.21 5.87 5.05
N PHE A 213 -8.00 5.81 6.37
CA PHE A 213 -7.11 6.77 7.07
C PHE A 213 -5.67 6.81 6.47
N ALA A 214 -5.04 5.66 6.24
CA ALA A 214 -3.65 5.66 5.68
C ALA A 214 -3.60 6.16 4.24
N LEU A 215 -4.68 5.94 3.48
CA LEU A 215 -4.71 6.42 2.12
C LEU A 215 -4.75 7.98 2.09
N ALA A 216 -5.56 8.60 2.94
CA ALA A 216 -5.54 10.13 3.05
C ALA A 216 -4.12 10.61 3.32
N LEU A 217 -3.47 10.03 4.32
CA LEU A 217 -2.11 10.49 4.63
C LEU A 217 -1.13 10.17 3.51
N THR A 218 -1.41 9.15 2.71
CA THR A 218 -0.58 8.81 1.57
C THR A 218 -0.68 9.93 0.50
N VAL A 219 -1.89 10.42 0.26
CA VAL A 219 -2.17 11.48 -0.68
C VAL A 219 -1.56 12.84 -0.18
N VAL A 220 -1.55 13.05 1.12
CA VAL A 220 -0.90 14.21 1.74
C VAL A 220 0.58 14.21 1.50
N CYS A 221 1.27 13.08 1.68
CA CYS A 221 2.66 13.00 1.24
C CYS A 221 2.87 13.33 -0.26
N ALA A 222 2.10 12.70 -1.18
CA ALA A 222 2.21 12.99 -2.60
C ALA A 222 2.01 14.49 -2.93
N ALA A 223 1.19 15.17 -2.14
CA ALA A 223 0.91 16.64 -2.29
C ALA A 223 2.03 17.58 -1.88
N GLY A 224 3.03 17.03 -1.18
CA GLY A 224 4.24 17.75 -0.83
C GLY A 224 4.55 18.01 0.64
N ALA A 225 3.71 17.49 1.57
CA ALA A 225 3.95 17.66 3.02
C ALA A 225 5.30 17.15 3.43
N GLU A 226 5.82 17.69 4.54
CA GLU A 226 6.98 17.17 5.26
C GLU A 226 6.79 15.70 5.68
N PRO A 227 7.90 14.93 5.86
CA PRO A 227 7.82 13.56 6.39
C PRO A 227 6.87 13.47 7.59
N LEU A 228 6.03 12.45 7.62
CA LEU A 228 5.08 12.33 8.73
C LEU A 228 5.78 11.94 10.03
N PRO A 229 5.27 12.39 11.18
CA PRO A 229 5.94 12.01 12.42
C PRO A 229 5.66 10.57 12.84
N ARG A 230 6.60 9.95 13.54
CA ARG A 230 6.40 8.56 14.04
C ARG A 230 5.69 8.46 15.38
N ASN A 231 5.69 9.57 16.12
CA ASN A 231 5.13 9.66 17.45
C ASN A 231 5.33 11.08 17.92
N GLY A 232 5.04 11.34 19.18
CA GLY A 232 5.18 12.71 19.70
C GLY A 232 3.90 13.48 19.42
N ASP A 233 3.96 14.79 19.67
CA ASP A 233 2.78 15.64 19.69
C ASP A 233 2.18 15.87 18.31
N GLN A 234 3.02 15.93 17.27
CA GLN A 234 2.48 16.07 15.93
C GLN A 234 1.72 14.80 15.42
N TRP A 235 2.15 13.60 15.83
CA TRP A 235 1.39 12.37 15.58
C TRP A 235 -0.05 12.45 16.12
N HIS A 236 -0.19 12.86 17.38
CA HIS A 236 -1.50 13.01 18.02
C HIS A 236 -2.36 14.11 17.43
N GLU A 237 -1.75 15.20 16.96
CA GLU A 237 -2.55 16.25 16.31
C GLU A 237 -3.26 15.77 15.03
N ILE A 238 -2.55 14.97 14.22
CA ILE A 238 -3.15 14.47 12.97
C ILE A 238 -4.28 13.56 13.37
N ARG A 239 -3.99 12.69 14.33
CA ARG A 239 -4.98 11.78 14.89
C ARG A 239 -6.20 12.52 15.54
N GLN A 240 -6.05 13.79 15.92
CA GLN A 240 -7.24 14.59 16.27
C GLN A 240 -8.03 14.99 15.02
N GLY A 241 -7.50 14.69 13.85
CA GLY A 241 -8.22 14.99 12.62
C GLY A 241 -7.73 16.22 11.87
N ARG A 242 -6.57 16.76 12.25
CA ARG A 242 -5.94 17.93 11.58
C ARG A 242 -4.93 17.54 10.47
N LEU A 243 -5.16 18.06 9.26
CA LEU A 243 -4.30 17.77 8.13
C LEU A 243 -2.93 18.40 8.31
N PRO A 244 -1.85 17.63 8.06
CA PRO A 244 -0.52 18.29 8.02
C PRO A 244 -0.51 19.35 6.92
N ARG A 245 0.41 20.31 7.00
CA ARG A 245 0.49 21.41 6.02
C ARG A 245 0.92 20.91 4.64
N ILE A 246 0.24 21.41 3.63
CA ILE A 246 0.44 21.05 2.23
C ILE A 246 0.87 22.34 1.54
N PRO A 247 2.05 22.32 0.88
CA PRO A 247 2.67 23.48 0.26
C PRO A 247 2.12 23.74 -1.13
N GLN A 248 0.80 23.64 -1.27
CA GLN A 248 0.15 23.99 -2.51
C GLN A 248 -1.32 24.21 -2.24
N VAL A 249 -1.96 24.91 -3.15
CA VAL A 249 -3.32 25.33 -2.98
C VAL A 249 -4.25 24.28 -3.57
N LEU A 250 -5.12 23.72 -2.73
CA LEU A 250 -6.11 22.72 -3.15
C LEU A 250 -7.54 23.25 -2.99
N SER A 251 -8.47 22.80 -3.84
CA SER A 251 -9.86 23.19 -3.67
C SER A 251 -10.36 22.79 -2.26
N GLN A 252 -11.20 23.66 -1.69
CA GLN A 252 -11.81 23.41 -0.38
C GLN A 252 -12.49 22.03 -0.31
N GLU A 253 -13.11 21.63 -1.41
CA GLU A 253 -13.81 20.39 -1.54
C GLU A 253 -12.82 19.24 -1.33
N PHE A 254 -11.73 19.21 -2.09
CA PHE A 254 -10.76 18.12 -2.03
C PHE A 254 -10.19 18.02 -0.62
N THR A 255 -9.87 19.16 -0.05
CA THR A 255 -9.35 19.26 1.27
C THR A 255 -10.35 18.77 2.32
N GLU A 256 -11.64 19.03 2.09
CA GLU A 256 -12.71 18.54 2.97
C GLU A 256 -12.72 17.01 2.93
N LEU A 257 -12.58 16.44 1.72
CA LEU A 257 -12.59 14.98 1.56
C LEU A 257 -11.43 14.36 2.30
N LEU A 258 -10.22 14.87 2.12
CA LEU A 258 -9.08 14.36 2.89
C LEU A 258 -9.27 14.46 4.40
N LYS A 259 -9.84 15.57 4.87
CA LYS A 259 -10.02 15.79 6.31
C LYS A 259 -11.00 14.77 6.91
N VAL A 260 -12.10 14.57 6.22
CA VAL A 260 -13.03 13.57 6.65
C VAL A 260 -12.47 12.09 6.58
N MET A 261 -11.51 11.83 5.69
CA MET A 261 -10.83 10.54 5.64
C MET A 261 -9.94 10.27 6.85
N ILE A 262 -9.52 11.33 7.53
CA ILE A 262 -8.80 11.16 8.79
C ILE A 262 -9.61 11.54 10.09
N HIS A 263 -10.93 11.66 9.98
CA HIS A 263 -11.77 11.95 11.15
C HIS A 263 -11.52 10.93 12.27
N PRO A 264 -11.30 11.40 13.54
CA PRO A 264 -11.08 10.50 14.69
C PRO A 264 -12.14 9.44 14.89
N ASP A 265 -13.33 9.63 14.33
CA ASP A 265 -14.40 8.64 14.45
C ASP A 265 -14.51 7.82 13.16
N PRO A 266 -14.00 6.58 13.20
CA PRO A 266 -13.89 5.74 12.00
C PRO A 266 -15.17 5.63 11.24
N GLU A 267 -16.31 5.66 11.92
CA GLU A 267 -17.60 5.55 11.25
C GLU A 267 -17.85 6.77 10.34
N ARG A 268 -17.17 7.89 10.61
CA ARG A 268 -17.36 9.09 9.73
C ARG A 268 -16.58 9.02 8.43
N ARG A 269 -15.53 8.19 8.36
CA ARG A 269 -14.67 8.10 7.17
C ARG A 269 -15.46 7.41 6.11
N PRO A 270 -15.29 7.78 4.84
CA PRO A 270 -16.06 7.06 3.82
C PRO A 270 -15.55 5.64 3.58
N SER A 271 -16.41 4.74 3.15
CA SER A 271 -15.94 3.42 2.77
C SER A 271 -15.19 3.62 1.46
N ALA A 272 -14.53 2.59 0.96
CA ALA A 272 -13.88 2.74 -0.34
C ALA A 272 -14.95 2.86 -1.45
N MET A 273 -16.11 2.28 -1.19
CA MET A 273 -17.29 2.35 -2.09
C MET A 273 -17.67 3.83 -2.20
N ALA A 274 -17.85 4.49 -1.06
CA ALA A 274 -18.33 5.87 -1.02
C ALA A 274 -17.27 6.78 -1.65
N LEU A 275 -16.00 6.53 -1.30
CA LEU A 275 -14.87 7.19 -1.92
C LEU A 275 -14.83 7.17 -3.46
N VAL A 276 -14.89 6.01 -4.12
CA VAL A 276 -14.78 6.02 -5.59
C VAL A 276 -15.99 6.66 -6.30
N LYS A 277 -17.11 6.76 -5.61
CA LYS A 277 -18.34 7.40 -6.12
C LYS A 277 -18.46 8.83 -5.60
N HIS A 278 -17.41 9.37 -4.98
CA HIS A 278 -17.48 10.76 -4.47
C HIS A 278 -17.52 11.79 -5.61
N SER A 279 -18.37 12.81 -5.46
CA SER A 279 -18.45 13.93 -6.46
C SER A 279 -17.10 14.57 -6.76
N VAL A 280 -16.33 14.83 -5.72
CA VAL A 280 -15.00 15.45 -5.90
C VAL A 280 -14.07 14.66 -6.87
N LEU A 281 -14.32 13.34 -7.04
CA LEU A 281 -13.50 12.46 -7.91
C LEU A 281 -14.17 12.14 -9.25
#